data_4IY1
#
_entry.id   4IY1
#
_cell.length_a   104.682
_cell.length_b   104.682
_cell.length_c   121.191
_cell.angle_alpha   90.00
_cell.angle_beta   90.00
_cell.angle_gamma   90.00
#
_symmetry.space_group_name_H-M   'P 43 21 2'
#
loop_
_entity.id
_entity.type
_entity.pdbx_description
1 polymer 'Halohydrin dehalogenase'
2 non-polymer 'CHLORIDE ION'
3 water water
#
_entity_poly.entity_id   1
_entity_poly.type   'polypeptide(L)'
_entity_poly.pdbx_seq_one_letter_code
;MSTAIVTNVKHFGGMGSALRLSEAGHTVACHDESFKHQDELEAFAETYPQLIPMSEQEPVELIEAVTSALGHVDILVSND
IAPVEWRPIDKYAVEDYRDMVEALQIKPFALANAVASQMKRRKSGHIIFITSAASFGPWKELSTYASARAGASALANALS
KELGEHNIPVFAIAPNGVDSGDSPYYYPSEPWKTSPEHVAWVRKYTALQRLGTQKELGELVTFLASGSCDYLTGQVFWLA
GGFPVVERWPGMPE
;
_entity_poly.pdbx_strand_id   A,B
#
loop_
_chem_comp.id
_chem_comp.type
_chem_comp.name
_chem_comp.formula
CL non-polymer 'CHLORIDE ION' 'Cl -1'
#
# COMPACT_ATOMS: atom_id res chain seq x y z
N SER A 2 10.93 30.04 3.91
CA SER A 2 10.36 28.70 3.59
C SER A 2 10.65 28.32 2.14
N THR A 3 11.35 27.21 1.94
CA THR A 3 11.49 26.65 0.59
C THR A 3 10.76 25.32 0.37
N ALA A 4 10.04 25.24 -0.74
CA ALA A 4 9.23 24.08 -1.07
C ALA A 4 9.70 23.49 -2.39
N ILE A 5 9.68 22.16 -2.49
CA ILE A 5 9.83 21.48 -3.78
C ILE A 5 8.49 20.83 -4.18
N VAL A 6 8.00 21.14 -5.38
CA VAL A 6 6.90 20.37 -5.99
C VAL A 6 7.43 19.52 -7.15
N THR A 7 7.21 18.19 -7.12
CA THR A 7 7.65 17.34 -8.22
C THR A 7 6.59 17.27 -9.32
N ASN A 8 7.01 16.80 -10.49
CA ASN A 8 6.13 16.71 -11.66
C ASN A 8 5.17 17.88 -11.78
N VAL A 9 5.72 19.09 -11.82
CA VAL A 9 4.88 20.26 -11.60
C VAL A 9 3.81 20.47 -12.69
N LYS A 10 4.03 19.91 -13.88
CA LYS A 10 3.10 20.12 -15.01
C LYS A 10 1.85 19.24 -14.94
N HIS A 11 1.75 18.38 -13.95
CA HIS A 11 0.73 17.33 -13.97
C HIS A 11 -0.09 17.25 -12.72
N PHE A 12 -1.23 16.55 -12.81
CA PHE A 12 -1.98 16.19 -11.60
C PHE A 12 -2.14 17.43 -10.69
N GLY A 13 -1.61 17.35 -9.46
CA GLY A 13 -1.78 18.43 -8.49
C GLY A 13 -0.68 19.48 -8.50
N GLY A 14 0.11 19.52 -9.58
CA GLY A 14 1.45 20.11 -9.52
C GLY A 14 1.37 21.61 -9.63
N MET A 15 0.47 22.09 -10.47
CA MET A 15 0.41 23.51 -10.76
C MET A 15 -0.37 24.23 -9.68
N GLY A 16 -1.46 23.61 -9.22
CA GLY A 16 -2.19 24.12 -8.07
C GLY A 16 -1.28 24.31 -6.87
N SER A 17 -0.37 23.37 -6.65
CA SER A 17 0.47 23.40 -5.46
C SER A 17 1.53 24.49 -5.55
N ALA A 18 2.24 24.51 -6.67
CA ALA A 18 3.36 25.40 -6.84
C ALA A 18 2.86 26.84 -6.85
N LEU A 19 1.72 27.07 -7.51
CA LEU A 19 1.18 28.40 -7.65
C LEU A 19 0.65 28.90 -6.31
N ARG A 20 -0.10 28.05 -5.60
CA ARG A 20 -0.72 28.50 -4.37
C ARG A 20 0.30 28.69 -3.25
N LEU A 21 1.33 27.83 -3.23
CA LEU A 21 2.48 27.98 -2.32
C LEU A 21 3.21 29.29 -2.59
N SER A 22 3.52 29.53 -3.85
CA SER A 22 4.17 30.77 -4.23
C SER A 22 3.36 31.96 -3.75
N GLU A 23 2.09 31.98 -4.11
CA GLU A 23 1.22 33.09 -3.78
C GLU A 23 1.17 33.39 -2.27
N ALA A 24 1.55 32.41 -1.44
CA ALA A 24 1.53 32.57 0.02
C ALA A 24 2.89 33.03 0.59
N GLY A 25 3.91 33.08 -0.26
CA GLY A 25 5.23 33.51 0.18
C GLY A 25 6.35 32.51 0.10
N HIS A 26 6.04 31.22 -0.07
CA HIS A 26 7.09 30.23 -0.07
C HIS A 26 7.89 30.43 -1.31
N THR A 27 9.19 30.10 -1.23
CA THR A 27 10.01 29.99 -2.42
C THR A 27 9.87 28.55 -2.96
N VAL A 28 9.41 28.44 -4.21
CA VAL A 28 9.04 27.14 -4.76
C VAL A 28 9.99 26.69 -5.88
N ALA A 29 10.80 25.68 -5.59
CA ALA A 29 11.54 24.92 -6.61
C ALA A 29 10.68 23.79 -7.23
N CYS A 30 10.65 23.72 -8.56
CA CYS A 30 9.75 22.82 -9.27
C CYS A 30 10.56 21.80 -10.03
N HIS A 31 10.11 20.54 -10.00
CA HIS A 31 10.71 19.46 -10.77
C HIS A 31 9.73 19.01 -11.84
N ASP A 32 10.25 18.52 -12.97
CA ASP A 32 9.43 17.92 -14.02
C ASP A 32 10.33 17.17 -15.01
N GLU A 33 9.77 16.14 -15.64
CA GLU A 33 10.56 15.26 -16.50
C GLU A 33 11.07 16.08 -17.67
N SER A 34 10.22 16.97 -18.15
CA SER A 34 10.56 17.82 -19.26
C SER A 34 11.72 18.78 -18.96
N PHE A 35 11.84 19.24 -17.72
CA PHE A 35 12.94 20.15 -17.37
C PHE A 35 14.31 19.51 -17.59
N LYS A 36 14.32 18.31 -18.15
CA LYS A 36 15.57 17.71 -18.61
C LYS A 36 16.10 18.50 -19.80
N HIS A 37 15.23 19.33 -20.37
CA HIS A 37 15.57 20.13 -21.54
C HIS A 37 15.60 21.61 -21.24
N GLN A 38 16.75 22.23 -21.46
CA GLN A 38 16.91 23.68 -21.29
C GLN A 38 15.73 24.44 -21.88
N ASP A 39 15.43 24.15 -23.14
CA ASP A 39 14.33 24.82 -23.82
C ASP A 39 13.01 24.70 -23.06
N GLU A 40 12.67 23.48 -22.63
CA GLU A 40 11.41 23.24 -21.89
C GLU A 40 11.44 23.96 -20.53
N LEU A 41 12.61 23.91 -19.89
CA LEU A 41 12.87 24.58 -18.64
C LEU A 41 12.63 26.11 -18.75
N GLU A 42 13.22 26.72 -19.76
CA GLU A 42 13.23 28.16 -19.81
C GLU A 42 11.88 28.72 -20.25
N ALA A 43 11.20 28.00 -21.14
CA ALA A 43 9.80 28.34 -21.43
C ALA A 43 8.96 28.41 -20.15
N PHE A 44 9.11 27.41 -19.28
CA PHE A 44 8.44 27.40 -17.97
C PHE A 44 8.84 28.61 -17.13
N ALA A 45 10.15 28.76 -16.88
CA ALA A 45 10.70 29.89 -16.14
C ALA A 45 10.09 31.20 -16.64
N GLU A 46 10.14 31.39 -17.95
CA GLU A 46 9.56 32.58 -18.54
C GLU A 46 8.07 32.71 -18.25
N THR A 47 7.31 31.64 -18.43
CA THR A 47 5.86 31.75 -18.22
C THR A 47 5.51 31.98 -16.74
N TYR A 48 6.47 31.68 -15.86
CA TYR A 48 6.19 31.56 -14.43
C TYR A 48 7.41 32.05 -13.67
N PRO A 49 7.59 33.39 -13.59
CA PRO A 49 8.82 33.99 -13.08
C PRO A 49 8.93 33.86 -11.55
N GLN A 50 7.80 33.63 -10.90
CA GLN A 50 7.79 33.41 -9.46
C GLN A 50 8.30 32.01 -9.07
N LEU A 51 8.14 31.02 -9.96
CA LEU A 51 8.60 29.65 -9.71
C LEU A 51 10.04 29.48 -10.13
N ILE A 52 10.72 28.48 -9.58
CA ILE A 52 12.13 28.23 -9.89
C ILE A 52 12.32 26.79 -10.38
N PRO A 53 12.06 26.55 -11.68
CA PRO A 53 12.23 25.22 -12.28
C PRO A 53 13.66 24.72 -12.13
N MET A 54 13.82 23.48 -11.66
CA MET A 54 15.12 22.77 -11.63
C MET A 54 15.25 21.72 -12.73
N SER A 55 16.47 21.28 -12.98
CA SER A 55 16.69 20.36 -14.09
C SER A 55 16.89 18.94 -13.59
N GLU A 56 17.48 18.82 -12.38
CA GLU A 56 17.70 17.52 -11.72
C GLU A 56 16.48 16.62 -11.72
N GLN A 57 16.75 15.32 -11.64
CA GLN A 57 15.72 14.33 -11.98
C GLN A 57 15.55 13.29 -10.88
N GLU A 58 16.59 13.10 -10.10
CA GLU A 58 16.66 12.01 -9.17
C GLU A 58 16.71 12.55 -7.75
N PRO A 59 16.13 11.80 -6.80
CA PRO A 59 15.85 12.33 -5.46
C PRO A 59 17.03 12.96 -4.77
N VAL A 60 18.13 12.21 -4.60
CA VAL A 60 19.24 12.75 -3.80
C VAL A 60 19.78 14.01 -4.49
N GLU A 61 19.86 13.95 -5.81
CA GLU A 61 20.44 15.04 -6.57
C GLU A 61 19.51 16.27 -6.57
N LEU A 62 18.21 16.03 -6.72
CA LEU A 62 17.22 17.12 -6.62
C LEU A 62 17.22 17.79 -5.26
N ILE A 63 17.21 16.99 -4.19
CA ILE A 63 17.23 17.56 -2.85
C ILE A 63 18.48 18.43 -2.65
N GLU A 64 19.63 17.94 -3.10
CA GLU A 64 20.91 18.66 -2.91
C GLU A 64 21.03 19.91 -3.79
N ALA A 65 20.61 19.80 -5.05
CA ALA A 65 20.50 20.96 -5.92
C ALA A 65 19.70 22.08 -5.23
N VAL A 66 18.51 21.75 -4.72
CA VAL A 66 17.67 22.73 -4.05
C VAL A 66 18.32 23.26 -2.77
N THR A 67 18.96 22.37 -2.02
CA THR A 67 19.53 22.81 -0.76
C THR A 67 20.68 23.79 -0.99
N SER A 68 21.36 23.66 -2.13
CA SER A 68 22.42 24.59 -2.53
C SER A 68 21.84 25.90 -3.01
N ALA A 69 21.13 25.86 -4.12
CA ALA A 69 20.45 27.02 -4.62
C ALA A 69 19.82 27.86 -3.48
N LEU A 70 19.12 27.20 -2.57
CA LEU A 70 18.16 27.92 -1.73
C LEU A 70 18.35 27.70 -0.24
N GLY A 71 19.27 26.81 0.13
CA GLY A 71 19.76 26.78 1.50
C GLY A 71 19.19 25.66 2.37
N HIS A 72 17.99 25.21 2.02
CA HIS A 72 17.31 24.14 2.78
C HIS A 72 15.99 23.80 2.17
N VAL A 73 15.46 22.62 2.51
CA VAL A 73 14.11 22.23 2.10
C VAL A 73 13.20 22.08 3.31
N ASP A 74 12.23 22.96 3.40
CA ASP A 74 11.25 22.96 4.47
C ASP A 74 10.01 22.11 4.13
N ILE A 75 9.61 22.15 2.85
CA ILE A 75 8.36 21.54 2.36
C ILE A 75 8.55 20.63 1.13
N LEU A 76 8.19 19.35 1.29
CA LEU A 76 8.22 18.39 0.21
C LEU A 76 6.81 18.07 -0.24
N VAL A 77 6.52 18.33 -1.51
CA VAL A 77 5.24 17.91 -2.10
C VAL A 77 5.54 16.89 -3.19
N SER A 78 5.33 15.63 -2.87
CA SER A 78 5.66 14.60 -3.80
C SER A 78 4.44 14.34 -4.66
N ASN A 79 4.41 14.95 -5.84
CA ASN A 79 3.21 14.91 -6.68
C ASN A 79 3.35 13.78 -7.68
N ASP A 80 3.01 12.57 -7.25
CA ASP A 80 3.43 11.39 -8.00
C ASP A 80 2.38 10.98 -9.02
N ILE A 81 2.83 10.50 -10.17
CA ILE A 81 1.90 10.20 -11.29
C ILE A 81 2.31 8.88 -11.96
N ALA A 82 1.33 8.08 -12.34
CA ALA A 82 1.59 7.01 -13.30
C ALA A 82 0.40 6.83 -14.21
N PRO A 83 0.64 6.21 -15.38
CA PRO A 83 -0.44 5.88 -16.33
C PRO A 83 -1.45 4.91 -15.72
N VAL A 84 -2.71 5.31 -15.67
CA VAL A 84 -3.79 4.52 -15.11
C VAL A 84 -4.40 3.65 -16.23
N GLU A 85 -3.83 2.47 -16.44
CA GLU A 85 -4.30 1.58 -17.51
C GLU A 85 -5.01 0.31 -16.98
N TRP A 86 -6.29 0.18 -17.31
CA TRP A 86 -7.12 -0.96 -16.90
C TRP A 86 -6.86 -2.23 -17.69
N ARG A 87 -6.35 -3.25 -17.02
CA ARG A 87 -6.24 -4.60 -17.58
C ARG A 87 -6.83 -5.56 -16.50
N PRO A 88 -7.40 -6.70 -16.93
CA PRO A 88 -7.61 -7.69 -15.89
C PRO A 88 -6.30 -8.15 -15.28
N ILE A 89 -6.37 -8.59 -14.02
CA ILE A 89 -5.17 -8.87 -13.22
C ILE A 89 -4.22 -9.85 -13.94
N ASP A 90 -4.77 -10.83 -14.63
CA ASP A 90 -3.93 -11.83 -15.30
C ASP A 90 -3.35 -11.31 -16.62
N LYS A 91 -3.99 -10.28 -17.20
CA LYS A 91 -3.44 -9.58 -18.38
C LYS A 91 -2.18 -8.76 -18.10
N TYR A 92 -1.85 -8.56 -16.82
CA TYR A 92 -0.65 -7.79 -16.47
C TYR A 92 0.55 -8.69 -16.47
N ALA A 93 1.72 -8.09 -16.58
CA ALA A 93 2.94 -8.73 -16.12
C ALA A 93 3.34 -8.16 -14.76
N VAL A 94 3.99 -9.01 -13.96
CA VAL A 94 4.40 -8.63 -12.61
C VAL A 94 5.29 -7.38 -12.64
N GLU A 95 6.12 -7.27 -13.67
CA GLU A 95 6.95 -6.10 -13.89
C GLU A 95 6.17 -4.79 -14.08
N ASP A 96 4.96 -4.86 -14.60
CA ASP A 96 4.09 -3.69 -14.66
C ASP A 96 3.65 -3.26 -13.25
N TYR A 97 3.45 -4.22 -12.37
CA TYR A 97 3.11 -3.85 -11.01
C TYR A 97 4.32 -3.23 -10.34
N ARG A 98 5.50 -3.80 -10.58
CA ARG A 98 6.72 -3.21 -10.04
C ARG A 98 6.90 -1.78 -10.52
N ASP A 99 6.59 -1.52 -11.80
CA ASP A 99 6.80 -0.17 -12.35
C ASP A 99 5.83 0.79 -11.70
N MET A 100 4.57 0.37 -11.54
CA MET A 100 3.57 1.20 -10.90
C MET A 100 4.02 1.51 -9.44
N VAL A 101 4.47 0.47 -8.74
CA VAL A 101 4.97 0.63 -7.35
C VAL A 101 6.20 1.52 -7.28
N GLU A 102 7.04 1.48 -8.33
CA GLU A 102 8.24 2.28 -8.34
C GLU A 102 7.85 3.76 -8.50
N ALA A 103 6.88 4.04 -9.37
CA ALA A 103 6.48 5.40 -9.64
C ALA A 103 5.69 6.00 -8.47
N LEU A 104 4.85 5.20 -7.83
CA LEU A 104 3.84 5.74 -6.89
C LEU A 104 4.19 5.58 -5.42
N GLN A 105 5.21 4.79 -5.11
CA GLN A 105 5.45 4.32 -3.76
C GLN A 105 6.94 4.42 -3.39
N ILE A 106 7.82 3.86 -4.23
CA ILE A 106 9.28 3.98 -3.97
C ILE A 106 9.76 5.42 -4.19
N LYS A 107 9.15 6.11 -5.15
CA LYS A 107 9.50 7.50 -5.44
C LYS A 107 9.33 8.43 -4.21
N PRO A 108 8.11 8.54 -3.66
CA PRO A 108 7.92 9.38 -2.49
C PRO A 108 8.71 8.92 -1.24
N PHE A 109 8.84 7.61 -1.02
CA PHE A 109 9.79 7.14 -0.02
C PHE A 109 11.22 7.73 -0.22
N ALA A 110 11.70 7.72 -1.48
CA ALA A 110 13.07 8.14 -1.80
C ALA A 110 13.23 9.67 -1.60
N LEU A 111 12.22 10.42 -1.97
CA LEU A 111 12.23 11.84 -1.65
C LEU A 111 12.21 12.06 -0.11
N ALA A 112 11.34 11.34 0.60
CA ALA A 112 11.22 11.52 2.06
C ALA A 112 12.55 11.22 2.72
N ASN A 113 13.12 10.12 2.32
CA ASN A 113 14.38 9.64 2.86
C ASN A 113 15.55 10.57 2.55
N ALA A 114 15.45 11.31 1.45
CA ALA A 114 16.50 12.28 1.09
C ALA A 114 16.43 13.57 1.92
N VAL A 115 15.24 13.95 2.33
CA VAL A 115 15.07 15.24 2.95
C VAL A 115 14.98 15.07 4.45
N ALA A 116 14.73 13.84 4.89
CA ALA A 116 14.39 13.58 6.28
C ALA A 116 15.45 14.09 7.26
N SER A 117 16.71 13.71 7.07
CA SER A 117 17.70 13.95 8.14
C SER A 117 17.94 15.44 8.39
N GLN A 118 17.79 16.24 7.34
CA GLN A 118 17.88 17.68 7.44
C GLN A 118 16.68 18.34 8.11
N MET A 119 15.46 17.86 7.83
CA MET A 119 14.28 18.29 8.61
C MET A 119 14.39 17.86 10.06
N LYS A 120 14.82 16.63 10.30
CA LYS A 120 14.99 16.13 11.66
C LYS A 120 16.01 16.96 12.50
N ARG A 121 17.08 17.40 11.85
CA ARG A 121 18.09 18.22 12.52
C ARG A 121 17.53 19.52 13.07
N ARG A 122 16.81 20.28 12.22
CA ARG A 122 16.14 21.50 12.69
C ARG A 122 14.87 21.26 13.51
N LYS A 123 14.41 20.02 13.59
CA LYS A 123 13.11 19.77 14.20
C LYS A 123 12.07 20.61 13.49
N SER A 124 12.11 20.63 12.17
CA SER A 124 11.03 21.28 11.43
C SER A 124 10.96 20.92 9.95
N GLY A 125 9.73 20.93 9.42
CA GLY A 125 9.46 20.56 8.03
C GLY A 125 8.03 20.05 7.85
N HIS A 126 7.62 19.91 6.58
CA HIS A 126 6.32 19.32 6.23
C HIS A 126 6.48 18.43 5.01
N ILE A 127 5.89 17.25 5.07
CA ILE A 127 5.94 16.34 3.96
C ILE A 127 4.52 16.02 3.45
N ILE A 128 4.26 16.27 2.16
CA ILE A 128 2.93 16.02 1.58
C ILE A 128 3.00 15.10 0.37
N PHE A 129 2.36 13.92 0.44
CA PHE A 129 2.29 13.00 -0.70
C PHE A 129 0.93 13.22 -1.41
N ILE A 130 0.94 13.45 -2.71
CA ILE A 130 -0.33 13.50 -3.47
C ILE A 130 -0.58 12.11 -4.06
N THR A 131 -1.57 11.40 -3.49
CA THR A 131 -1.81 9.96 -3.83
C THR A 131 -3.10 9.85 -4.72
N SER A 132 -4.14 9.16 -4.25
CA SER A 132 -5.44 9.10 -5.01
C SER A 132 -6.58 8.49 -4.21
N ALA A 133 -7.81 8.93 -4.49
CA ALA A 133 -8.96 8.31 -3.80
C ALA A 133 -9.20 6.88 -4.32
N ALA A 134 -8.43 6.46 -5.31
CA ALA A 134 -8.61 5.09 -5.78
C ALA A 134 -8.22 4.08 -4.69
N SER A 135 -7.35 4.50 -3.77
CA SER A 135 -6.78 3.60 -2.75
C SER A 135 -7.64 2.43 -2.29
N PHE A 136 -8.70 2.68 -1.51
CA PHE A 136 -9.59 1.56 -1.14
C PHE A 136 -10.97 1.72 -1.83
N GLY A 137 -10.98 2.15 -3.09
CA GLY A 137 -12.16 2.77 -3.68
C GLY A 137 -13.04 1.76 -4.42
N PRO A 138 -14.01 2.26 -5.19
CA PRO A 138 -15.08 1.44 -5.77
C PRO A 138 -14.81 0.89 -7.16
N TRP A 139 -13.58 1.01 -7.66
CA TRP A 139 -13.27 0.62 -9.03
C TRP A 139 -12.90 -0.84 -9.20
N LYS A 140 -13.08 -1.37 -10.42
CA LYS A 140 -12.49 -2.68 -10.82
C LYS A 140 -11.45 -2.56 -11.95
N GLU A 141 -10.61 -3.58 -12.10
CA GLU A 141 -9.44 -3.58 -13.04
C GLU A 141 -8.51 -2.37 -12.93
N LEU A 142 -8.42 -1.80 -11.73
CA LEU A 142 -7.49 -0.73 -11.39
C LEU A 142 -6.62 -1.23 -10.23
N SER A 143 -6.23 -2.50 -10.29
CA SER A 143 -5.78 -3.23 -9.09
C SER A 143 -4.37 -2.77 -8.72
N THR A 144 -3.51 -2.67 -9.72
CA THR A 144 -2.14 -2.17 -9.55
C THR A 144 -2.14 -0.73 -9.04
N TYR A 145 -3.04 0.10 -9.57
CA TYR A 145 -3.05 1.52 -9.24
C TYR A 145 -3.60 1.80 -7.83
N ALA A 146 -4.79 1.27 -7.55
CA ALA A 146 -5.41 1.42 -6.26
C ALA A 146 -4.55 0.89 -5.07
N SER A 147 -3.84 -0.19 -5.29
CA SER A 147 -3.05 -0.75 -4.24
C SER A 147 -1.73 -0.01 -3.99
N ALA A 148 -1.06 0.42 -5.07
CA ALA A 148 0.11 1.30 -4.94
C ALA A 148 -0.22 2.64 -4.28
N ARG A 149 -1.36 3.21 -4.64
CA ARG A 149 -1.79 4.46 -4.00
C ARG A 149 -2.11 4.29 -2.48
N ALA A 150 -2.65 3.15 -2.08
CA ALA A 150 -2.89 2.88 -0.67
C ALA A 150 -1.56 2.69 0.07
N GLY A 151 -0.59 2.02 -0.56
CA GLY A 151 0.75 1.91 0.01
C GLY A 151 1.39 3.25 0.30
N ALA A 152 1.31 4.18 -0.66
CA ALA A 152 1.82 5.55 -0.46
C ALA A 152 1.12 6.26 0.67
N SER A 153 -0.22 6.18 0.70
CA SER A 153 -1.02 6.85 1.75
C SER A 153 -0.64 6.27 3.12
N ALA A 154 -0.52 4.94 3.18
CA ALA A 154 -0.17 4.28 4.42
C ALA A 154 1.24 4.66 4.87
N LEU A 155 2.11 4.87 3.88
CA LEU A 155 3.48 5.28 4.14
C LEU A 155 3.50 6.68 4.75
N ALA A 156 2.72 7.59 4.21
CA ALA A 156 2.58 8.92 4.86
C ALA A 156 2.11 8.81 6.31
N ASN A 157 1.11 7.99 6.56
CA ASN A 157 0.52 7.93 7.88
C ASN A 157 1.53 7.32 8.87
N ALA A 158 2.24 6.29 8.41
CA ALA A 158 3.29 5.65 9.18
C ALA A 158 4.41 6.65 9.52
N LEU A 159 4.83 7.46 8.54
CA LEU A 159 5.87 8.46 8.78
C LEU A 159 5.41 9.56 9.73
N SER A 160 4.13 9.90 9.71
CA SER A 160 3.66 10.93 10.60
C SER A 160 3.93 10.47 12.05
N LYS A 161 3.81 9.17 12.28
CA LYS A 161 4.01 8.65 13.61
C LYS A 161 5.50 8.62 14.04
N GLU A 162 6.43 8.40 13.13
CA GLU A 162 7.84 8.50 13.51
C GLU A 162 8.38 9.91 13.53
N LEU A 163 7.86 10.78 12.68
CA LEU A 163 8.46 12.07 12.53
C LEU A 163 7.82 13.12 13.42
N GLY A 164 6.76 12.72 14.11
CA GLY A 164 6.09 13.65 15.02
C GLY A 164 7.00 14.10 16.18
N GLU A 165 7.71 13.14 16.78
CA GLU A 165 8.83 13.41 17.71
C GLU A 165 9.65 14.58 17.27
N HIS A 166 9.85 14.70 15.96
CA HIS A 166 10.76 15.69 15.39
C HIS A 166 10.03 16.88 14.88
N ASN A 167 8.75 16.98 15.24
CA ASN A 167 7.94 18.13 14.83
C ASN A 167 7.73 18.24 13.31
N ILE A 168 7.73 17.10 12.63
CA ILE A 168 7.50 17.10 11.17
C ILE A 168 6.14 16.46 10.81
N PRO A 169 5.14 17.29 10.44
CA PRO A 169 3.86 16.76 9.97
C PRO A 169 3.96 16.12 8.58
N VAL A 170 3.36 14.94 8.43
CA VAL A 170 3.28 14.21 7.17
C VAL A 170 1.79 13.95 6.79
N PHE A 171 1.44 14.17 5.53
CA PHE A 171 0.04 14.06 5.08
C PHE A 171 0.00 13.32 3.74
N ALA A 172 -1.18 12.81 3.38
CA ALA A 172 -1.45 12.40 2.00
C ALA A 172 -2.73 13.06 1.49
N ILE A 173 -2.75 13.36 0.21
CA ILE A 173 -3.92 13.91 -0.36
C ILE A 173 -4.37 12.99 -1.47
N ALA A 174 -5.58 12.46 -1.31
CA ALA A 174 -6.03 11.31 -2.08
C ALA A 174 -7.15 11.78 -3.05
N PRO A 175 -6.78 12.19 -4.27
CA PRO A 175 -7.80 12.97 -4.96
C PRO A 175 -8.68 12.11 -5.85
N ASN A 176 -9.86 12.64 -6.18
CA ASN A 176 -10.59 12.21 -7.39
C ASN A 176 -11.38 13.34 -8.06
N GLY A 177 -11.25 13.44 -9.38
CA GLY A 177 -12.05 14.37 -10.16
C GLY A 177 -11.56 15.80 -10.16
N VAL A 178 -10.27 15.98 -9.87
CA VAL A 178 -9.68 17.31 -9.88
C VAL A 178 -9.32 17.75 -11.31
N ASP A 179 -10.01 18.77 -11.81
CA ASP A 179 -9.70 19.31 -13.14
C ASP A 179 -8.18 19.52 -13.29
N SER A 180 -7.55 18.78 -14.19
CA SER A 180 -6.11 18.94 -14.39
C SER A 180 -5.75 19.70 -15.69
N GLY A 181 -6.72 20.41 -16.27
CA GLY A 181 -6.45 21.30 -17.41
C GLY A 181 -5.92 20.56 -18.63
N ASP A 182 -4.65 20.79 -18.93
CA ASP A 182 -4.01 20.22 -20.10
C ASP A 182 -3.38 18.85 -19.81
N SER A 183 -3.11 18.57 -18.53
CA SER A 183 -2.51 17.30 -18.18
C SER A 183 -3.52 16.15 -18.35
N PRO A 184 -3.08 15.04 -18.97
CA PRO A 184 -3.87 13.79 -18.92
C PRO A 184 -3.98 13.12 -17.52
N TYR A 185 -3.25 13.64 -16.53
CA TYR A 185 -3.33 13.12 -15.16
C TYR A 185 -4.11 14.09 -14.26
N TYR A 186 -5.36 13.74 -13.90
CA TYR A 186 -6.05 12.56 -14.46
C TYR A 186 -7.40 12.95 -15.04
N TYR A 187 -7.70 14.25 -14.99
CA TYR A 187 -8.98 14.77 -15.45
C TYR A 187 -8.84 15.99 -16.37
N PRO A 188 -8.20 15.80 -17.55
CA PRO A 188 -8.02 16.93 -18.48
C PRO A 188 -9.36 17.56 -18.85
N SER A 189 -9.39 18.89 -18.93
CA SER A 189 -10.62 19.64 -19.24
C SER A 189 -11.35 19.14 -20.50
N GLU A 190 -10.60 18.58 -21.44
CA GLU A 190 -11.20 17.78 -22.50
C GLU A 190 -10.79 16.32 -22.34
N PRO A 191 -11.77 15.43 -22.11
CA PRO A 191 -13.17 15.66 -22.48
C PRO A 191 -14.10 15.99 -21.31
N TRP A 192 -13.54 16.22 -20.13
CA TRP A 192 -14.32 16.19 -18.89
C TRP A 192 -15.20 17.40 -18.67
N LYS A 193 -14.90 18.51 -19.33
CA LYS A 193 -15.78 19.69 -19.23
C LYS A 193 -16.67 19.90 -20.45
N THR A 194 -16.40 19.14 -21.52
CA THR A 194 -16.89 19.45 -22.86
C THR A 194 -17.72 18.29 -23.47
N SER A 195 -17.45 17.07 -23.05
CA SER A 195 -18.11 15.90 -23.62
C SER A 195 -19.26 15.37 -22.74
N PRO A 196 -20.49 15.33 -23.28
CA PRO A 196 -21.72 15.15 -22.49
C PRO A 196 -21.75 13.92 -21.55
N GLU A 197 -21.15 12.81 -21.99
CA GLU A 197 -21.09 11.59 -21.20
C GLU A 197 -20.20 11.77 -19.95
N HIS A 198 -18.99 12.29 -20.14
CA HIS A 198 -18.09 12.59 -19.03
C HIS A 198 -18.72 13.57 -18.06
N VAL A 199 -19.34 14.62 -18.61
CA VAL A 199 -20.09 15.59 -17.83
C VAL A 199 -21.16 14.89 -16.97
N ALA A 200 -21.86 13.94 -17.60
CA ALA A 200 -22.92 13.17 -16.96
C ALA A 200 -22.38 12.22 -15.88
N TRP A 201 -21.30 11.52 -16.21
CA TRP A 201 -20.65 10.62 -15.27
C TRP A 201 -20.27 11.33 -13.97
N VAL A 202 -19.63 12.48 -14.11
CA VAL A 202 -19.33 13.35 -12.97
C VAL A 202 -20.58 13.70 -12.17
N ARG A 203 -21.66 14.04 -12.88
CA ARG A 203 -22.86 14.54 -12.22
C ARG A 203 -23.52 13.42 -11.46
N LYS A 204 -23.44 12.22 -12.04
CA LYS A 204 -24.02 11.03 -11.45
C LYS A 204 -23.28 10.67 -10.14
N TYR A 205 -21.95 10.66 -10.18
CA TYR A 205 -21.19 9.88 -9.19
C TYR A 205 -20.46 10.72 -8.13
N THR A 206 -20.41 12.04 -8.32
CA THR A 206 -19.80 12.90 -7.31
C THR A 206 -20.91 13.66 -6.59
N ALA A 207 -20.69 13.99 -5.33
CA ALA A 207 -21.73 14.63 -4.53
C ALA A 207 -21.96 16.07 -4.99
N LEU A 208 -20.87 16.82 -5.24
CA LEU A 208 -21.00 18.25 -5.59
C LEU A 208 -21.27 18.45 -7.07
N GLN A 209 -21.16 17.37 -7.84
CA GLN A 209 -21.58 17.33 -9.25
C GLN A 209 -20.76 18.25 -10.14
N ARG A 210 -19.51 18.44 -9.74
CA ARG A 210 -18.54 19.12 -10.59
C ARG A 210 -17.19 18.44 -10.42
N LEU A 211 -16.26 18.76 -11.33
CA LEU A 211 -14.86 18.47 -11.11
C LEU A 211 -14.38 19.30 -9.92
N GLY A 212 -13.36 18.83 -9.21
CA GLY A 212 -12.57 19.70 -8.31
C GLY A 212 -11.63 20.61 -9.09
N THR A 213 -11.11 21.64 -8.44
CA THR A 213 -10.20 22.59 -9.11
C THR A 213 -8.76 22.54 -8.59
N GLN A 214 -7.82 22.90 -9.45
CA GLN A 214 -6.43 23.10 -9.02
C GLN A 214 -6.34 24.01 -7.81
N LYS A 215 -7.13 25.07 -7.81
CA LYS A 215 -7.05 26.02 -6.73
C LYS A 215 -7.44 25.31 -5.44
N GLU A 216 -8.47 24.47 -5.50
CA GLU A 216 -8.98 23.82 -4.30
C GLU A 216 -7.89 22.91 -3.71
N LEU A 217 -7.15 22.26 -4.60
CA LEU A 217 -6.06 21.36 -4.22
C LEU A 217 -4.81 22.13 -3.72
N GLY A 218 -4.39 23.14 -4.47
CA GLY A 218 -3.27 23.98 -4.06
C GLY A 218 -3.57 24.68 -2.74
N GLU A 219 -4.82 25.09 -2.54
CA GLU A 219 -5.21 25.70 -1.29
C GLU A 219 -5.02 24.72 -0.14
N LEU A 220 -5.34 23.44 -0.37
CA LEU A 220 -5.15 22.46 0.68
C LEU A 220 -3.68 22.20 0.97
N VAL A 221 -2.88 22.07 -0.07
CA VAL A 221 -1.43 21.89 0.07
C VAL A 221 -0.82 23.03 0.89
N THR A 222 -1.31 24.24 0.61
CA THR A 222 -0.77 25.45 1.19
C THR A 222 -1.20 25.59 2.61
N PHE A 223 -2.41 25.15 2.91
CA PHE A 223 -2.89 25.13 4.27
C PHE A 223 -2.08 24.15 5.11
N LEU A 224 -1.81 22.96 4.57
CA LEU A 224 -1.15 21.93 5.35
C LEU A 224 0.29 22.34 5.57
N ALA A 225 0.84 23.06 4.60
CA ALA A 225 2.22 23.49 4.67
C ALA A 225 2.39 24.73 5.54
N SER A 226 1.28 25.40 5.86
CA SER A 226 1.32 26.73 6.49
C SER A 226 1.79 26.68 7.94
N GLY A 227 1.67 25.52 8.56
CA GLY A 227 2.01 25.39 9.97
C GLY A 227 0.84 25.76 10.85
N SER A 228 -0.30 26.11 10.22
CA SER A 228 -1.52 26.47 10.96
C SER A 228 -2.19 25.32 11.67
N CYS A 229 -1.99 24.11 11.19
CA CYS A 229 -2.71 22.95 11.75
C CYS A 229 -1.87 21.69 11.63
N ASP A 230 -0.65 21.76 12.16
CA ASP A 230 0.25 20.63 12.25
C ASP A 230 -0.39 19.47 12.96
N TYR A 231 -1.29 19.76 13.88
CA TYR A 231 -1.91 18.70 14.69
C TYR A 231 -2.76 17.73 13.84
N LEU A 232 -2.98 18.05 12.56
CA LEU A 232 -3.73 17.10 11.68
C LEU A 232 -2.82 15.96 11.15
N THR A 233 -1.54 16.02 11.53
CA THR A 233 -0.52 15.12 10.99
C THR A 233 -1.01 13.69 10.88
N GLY A 234 -0.65 13.03 9.78
CA GLY A 234 -1.08 11.66 9.57
C GLY A 234 -2.35 11.57 8.73
N GLN A 235 -3.07 12.69 8.57
CA GLN A 235 -4.37 12.68 7.84
C GLN A 235 -4.19 12.29 6.37
N VAL A 236 -5.05 11.42 5.89
CA VAL A 236 -5.22 11.23 4.45
C VAL A 236 -6.48 12.00 4.03
N PHE A 237 -6.32 12.92 3.09
CA PHE A 237 -7.40 13.78 2.68
C PHE A 237 -8.04 13.23 1.44
N TRP A 238 -9.32 12.92 1.57
CA TRP A 238 -10.12 12.43 0.45
C TRP A 238 -10.75 13.59 -0.25
N LEU A 239 -10.02 14.08 -1.25
CA LEU A 239 -10.37 15.25 -1.99
C LEU A 239 -11.13 14.80 -3.22
N ALA A 240 -12.41 14.42 -3.02
CA ALA A 240 -13.14 13.71 -4.07
C ALA A 240 -14.59 14.17 -4.24
N GLY A 241 -14.89 15.40 -3.85
CA GLY A 241 -16.23 15.97 -4.06
C GLY A 241 -17.39 15.09 -3.60
N GLY A 242 -17.13 14.22 -2.63
CA GLY A 242 -18.15 13.33 -2.08
C GLY A 242 -18.36 12.06 -2.88
N PHE A 243 -17.61 11.90 -3.97
CA PHE A 243 -17.50 10.63 -4.67
C PHE A 243 -17.12 9.55 -3.66
N PRO A 244 -17.70 8.33 -3.78
CA PRO A 244 -18.75 7.93 -4.73
C PRO A 244 -20.14 8.12 -4.15
N VAL A 245 -21.10 8.51 -5.01
CA VAL A 245 -22.51 8.50 -4.61
C VAL A 245 -23.34 7.51 -5.46
N VAL A 246 -24.18 6.71 -4.82
CA VAL A 246 -24.96 5.67 -5.50
C VAL A 246 -26.49 5.91 -5.40
N GLU A 247 -27.16 5.72 -6.53
CA GLU A 247 -28.61 5.91 -6.66
C GLU A 247 -29.38 5.06 -5.67
N ARG A 248 -30.57 5.55 -5.29
CA ARG A 248 -31.48 4.73 -4.52
C ARG A 248 -31.89 3.48 -5.33
N TRP A 249 -32.49 2.51 -4.65
CA TRP A 249 -33.23 1.43 -5.31
C TRP A 249 -34.15 1.96 -6.39
N PRO A 250 -34.17 1.32 -7.58
CA PRO A 250 -35.14 1.65 -8.65
C PRO A 250 -36.58 1.44 -8.17
N SER B 2 -10.92 -30.53 -4.04
CA SER B 2 -10.51 -29.14 -3.76
C SER B 2 -9.05 -29.08 -3.35
N THR B 3 -8.30 -28.18 -3.98
CA THR B 3 -6.85 -28.09 -3.84
C THR B 3 -6.46 -26.69 -3.37
N ALA B 4 -5.54 -26.62 -2.41
CA ALA B 4 -5.16 -25.31 -1.85
C ALA B 4 -3.65 -25.25 -1.83
N ILE B 5 -3.11 -24.03 -1.88
CA ILE B 5 -1.69 -23.76 -1.67
C ILE B 5 -1.53 -22.76 -0.56
N VAL B 6 -0.61 -23.05 0.35
CA VAL B 6 -0.23 -22.11 1.40
C VAL B 6 1.27 -21.92 1.24
N THR B 7 1.71 -20.67 1.19
CA THR B 7 3.09 -20.34 1.01
C THR B 7 3.74 -20.17 2.36
N ASN B 8 5.07 -20.19 2.38
CA ASN B 8 5.83 -19.95 3.58
C ASN B 8 5.31 -20.75 4.78
N VAL B 9 5.08 -22.04 4.56
CA VAL B 9 4.20 -22.80 5.41
C VAL B 9 4.74 -22.95 6.84
N LYS B 10 6.04 -22.72 7.01
CA LYS B 10 6.68 -22.85 8.33
C LYS B 10 6.58 -21.61 9.20
N HIS B 11 5.99 -20.55 8.67
CA HIS B 11 6.00 -19.27 9.39
C HIS B 11 4.67 -18.60 9.44
N PHE B 12 4.56 -17.59 10.31
CA PHE B 12 3.41 -16.68 10.34
C PHE B 12 2.12 -17.46 10.39
N GLY B 13 1.28 -17.34 9.35
CA GLY B 13 -0.02 -18.02 9.32
C GLY B 13 0.04 -19.40 8.71
N GLY B 14 1.24 -19.82 8.32
CA GLY B 14 1.41 -21.01 7.50
C GLY B 14 0.79 -22.30 8.03
N MET B 15 1.20 -22.74 9.22
CA MET B 15 0.79 -24.08 9.72
C MET B 15 -0.68 -24.11 10.13
N GLY B 16 -1.12 -23.07 10.82
CA GLY B 16 -2.54 -22.96 11.16
C GLY B 16 -3.41 -23.10 9.94
N SER B 17 -3.00 -22.48 8.85
CA SER B 17 -3.78 -22.51 7.62
C SER B 17 -3.76 -23.90 7.01
N ALA B 18 -2.57 -24.44 6.78
CA ALA B 18 -2.47 -25.70 6.04
C ALA B 18 -3.11 -26.84 6.83
N LEU B 19 -2.79 -26.93 8.12
CA LEU B 19 -3.36 -27.99 8.97
C LEU B 19 -4.88 -27.91 9.03
N ARG B 20 -5.43 -26.73 9.34
CA ARG B 20 -6.88 -26.57 9.37
C ARG B 20 -7.54 -26.79 8.00
N LEU B 21 -6.84 -26.46 6.93
CA LEU B 21 -7.40 -26.69 5.59
C LEU B 21 -7.39 -28.18 5.26
N SER B 22 -6.31 -28.85 5.62
CA SER B 22 -6.25 -30.28 5.39
C SER B 22 -7.39 -31.04 6.10
N GLU B 23 -7.61 -30.70 7.37
CA GLU B 23 -8.74 -31.24 8.13
C GLU B 23 -10.09 -31.00 7.46
N ALA B 24 -10.24 -29.86 6.79
CA ALA B 24 -11.50 -29.55 6.11
C ALA B 24 -11.67 -30.37 4.84
N GLY B 25 -10.66 -31.18 4.49
CA GLY B 25 -10.84 -32.08 3.35
C GLY B 25 -10.22 -31.55 2.07
N HIS B 26 -9.51 -30.43 2.15
CA HIS B 26 -8.75 -29.92 1.02
C HIS B 26 -7.46 -30.70 0.90
N THR B 27 -7.06 -31.00 -0.34
CA THR B 27 -5.68 -31.36 -0.60
C THR B 27 -4.78 -30.12 -0.61
N VAL B 28 -3.85 -30.06 0.32
CA VAL B 28 -3.06 -28.87 0.58
C VAL B 28 -1.63 -29.00 0.11
N ALA B 29 -1.28 -28.24 -0.92
CA ALA B 29 0.12 -28.07 -1.32
C ALA B 29 0.76 -26.93 -0.54
N CYS B 30 2.00 -27.15 -0.12
CA CYS B 30 2.70 -26.22 0.75
C CYS B 30 3.98 -25.76 0.11
N HIS B 31 4.29 -24.49 0.33
CA HIS B 31 5.52 -23.93 -0.17
C HIS B 31 6.32 -23.40 0.97
N ASP B 32 7.64 -23.53 0.86
CA ASP B 32 8.55 -22.91 1.81
C ASP B 32 9.91 -22.76 1.18
N GLU B 33 10.62 -21.72 1.62
CA GLU B 33 11.94 -21.43 1.09
C GLU B 33 12.83 -22.66 1.34
N SER B 34 12.64 -23.28 2.49
CA SER B 34 13.49 -24.39 2.90
C SER B 34 13.22 -25.64 2.07
N PHE B 35 12.12 -25.66 1.33
CA PHE B 35 11.83 -26.81 0.49
C PHE B 35 12.69 -26.82 -0.76
N LYS B 36 13.66 -25.90 -0.82
CA LYS B 36 14.71 -25.92 -1.83
C LYS B 36 15.57 -27.17 -1.65
N HIS B 37 15.95 -27.43 -0.41
CA HIS B 37 16.73 -28.59 -0.03
C HIS B 37 15.86 -29.77 0.25
N GLN B 38 16.03 -30.84 -0.52
CA GLN B 38 15.21 -32.05 -0.38
C GLN B 38 15.31 -32.76 0.98
N ASP B 39 16.41 -32.57 1.70
CA ASP B 39 16.45 -32.93 3.12
C ASP B 39 15.19 -32.38 3.75
N GLU B 40 15.11 -31.05 3.78
CA GLU B 40 14.04 -30.33 4.46
C GLU B 40 12.67 -30.71 3.93
N LEU B 41 12.53 -30.81 2.62
CA LEU B 41 11.26 -31.22 2.06
C LEU B 41 10.80 -32.55 2.65
N GLU B 42 11.72 -33.52 2.72
CA GLU B 42 11.35 -34.90 3.05
C GLU B 42 11.09 -35.06 4.53
N ALA B 43 11.87 -34.34 5.34
CA ALA B 43 11.61 -34.29 6.77
C ALA B 43 10.24 -33.66 7.08
N PHE B 44 9.72 -32.87 6.13
CA PHE B 44 8.43 -32.20 6.34
C PHE B 44 7.34 -33.06 5.77
N ALA B 45 7.62 -33.75 4.66
CA ALA B 45 6.64 -34.65 4.11
C ALA B 45 6.39 -35.80 5.08
N GLU B 46 7.45 -36.22 5.77
CA GLU B 46 7.37 -37.31 6.72
C GLU B 46 6.54 -36.90 7.93
N THR B 47 6.97 -35.82 8.59
CA THR B 47 6.21 -35.30 9.72
C THR B 47 4.74 -35.06 9.38
N TYR B 48 4.48 -34.51 8.20
CA TYR B 48 3.12 -34.16 7.80
C TYR B 48 2.69 -34.90 6.54
N PRO B 49 2.22 -36.14 6.70
CA PRO B 49 1.86 -36.99 5.56
C PRO B 49 0.60 -36.51 4.86
N GLN B 50 -0.21 -35.70 5.54
CA GLN B 50 -1.45 -35.18 4.95
C GLN B 50 -1.22 -33.93 4.10
N LEU B 51 -0.13 -33.21 4.39
CA LEU B 51 0.28 -32.04 3.57
C LEU B 51 1.18 -32.46 2.42
N ILE B 52 1.27 -31.62 1.39
CA ILE B 52 2.05 -31.95 0.19
C ILE B 52 3.07 -30.85 -0.15
N PRO B 53 4.26 -30.91 0.50
CA PRO B 53 5.25 -29.84 0.31
C PRO B 53 5.86 -29.86 -1.09
N MET B 54 6.26 -28.70 -1.61
CA MET B 54 6.83 -28.60 -2.96
C MET B 54 8.21 -27.96 -2.92
N SER B 55 9.05 -28.31 -3.88
CA SER B 55 10.37 -27.70 -3.99
C SER B 55 10.24 -26.33 -4.64
N GLU B 56 9.28 -26.21 -5.55
CA GLU B 56 9.13 -25.03 -6.43
C GLU B 56 9.11 -23.73 -5.61
N GLN B 57 9.84 -22.72 -6.08
CA GLN B 57 10.06 -21.51 -5.28
C GLN B 57 9.31 -20.27 -5.78
N GLU B 58 9.22 -20.08 -7.08
CA GLU B 58 8.67 -18.84 -7.64
C GLU B 58 7.20 -19.02 -7.96
N PRO B 59 6.46 -17.92 -8.04
CA PRO B 59 5.00 -18.04 -8.15
C PRO B 59 4.52 -18.90 -9.32
N VAL B 60 5.07 -18.67 -10.52
CA VAL B 60 4.48 -19.33 -11.69
C VAL B 60 4.85 -20.83 -11.77
N GLU B 61 6.10 -21.18 -11.51
CA GLU B 61 6.46 -22.59 -11.43
C GLU B 61 5.74 -23.32 -10.27
N LEU B 62 5.42 -22.60 -9.20
CA LEU B 62 4.64 -23.22 -8.13
C LEU B 62 3.21 -23.57 -8.56
N ILE B 63 2.48 -22.57 -9.05
CA ILE B 63 1.15 -22.80 -9.57
C ILE B 63 1.08 -23.94 -10.62
N GLU B 64 1.98 -23.92 -11.59
CA GLU B 64 1.99 -24.97 -12.62
C GLU B 64 2.32 -26.34 -12.03
N ALA B 65 3.26 -26.37 -11.09
CA ALA B 65 3.66 -27.62 -10.48
C ALA B 65 2.51 -28.24 -9.66
N VAL B 66 1.77 -27.41 -8.94
CA VAL B 66 0.60 -27.86 -8.17
C VAL B 66 -0.50 -28.26 -9.14
N THR B 67 -0.72 -27.42 -10.15
CA THR B 67 -1.75 -27.71 -11.15
C THR B 67 -1.48 -29.02 -11.88
N SER B 68 -0.21 -29.29 -12.19
CA SER B 68 0.17 -30.57 -12.83
C SER B 68 -0.20 -31.73 -11.93
N ALA B 69 0.36 -31.72 -10.72
CA ALA B 69 0.22 -32.83 -9.78
C ALA B 69 -1.19 -33.01 -9.22
N LEU B 70 -1.77 -31.93 -8.68
CA LEU B 70 -2.93 -32.05 -7.79
C LEU B 70 -4.24 -31.64 -8.40
N GLY B 71 -4.24 -31.16 -9.63
CA GLY B 71 -5.48 -30.84 -10.32
C GLY B 71 -5.63 -29.41 -10.85
N HIS B 72 -5.70 -28.45 -9.94
CA HIS B 72 -6.26 -27.12 -10.25
C HIS B 72 -6.45 -26.44 -8.95
N VAL B 73 -5.99 -25.20 -8.86
CA VAL B 73 -5.94 -24.52 -7.57
C VAL B 73 -7.28 -23.88 -7.24
N ASP B 74 -7.89 -24.31 -6.15
CA ASP B 74 -9.16 -23.73 -5.73
C ASP B 74 -8.90 -22.65 -4.70
N ILE B 75 -7.84 -22.81 -3.92
CA ILE B 75 -7.54 -21.86 -2.86
C ILE B 75 -6.09 -21.43 -2.85
N LEU B 76 -5.87 -20.12 -2.89
CA LEU B 76 -4.54 -19.58 -2.68
C LEU B 76 -4.50 -18.91 -1.33
N VAL B 77 -3.57 -19.31 -0.48
CA VAL B 77 -3.28 -18.54 0.71
C VAL B 77 -1.88 -17.96 0.59
N SER B 78 -1.81 -16.66 0.30
CA SER B 78 -0.56 -15.99 0.21
C SER B 78 -0.14 -15.49 1.57
N ASN B 79 0.72 -16.28 2.21
CA ASN B 79 1.17 -16.08 3.58
C ASN B 79 2.53 -15.41 3.54
N ASP B 80 2.52 -14.08 3.47
CA ASP B 80 3.71 -13.34 3.15
C ASP B 80 4.49 -12.84 4.37
N ILE B 81 5.81 -12.94 4.28
CA ILE B 81 6.66 -12.64 5.42
C ILE B 81 7.84 -11.82 4.96
N ALA B 82 8.31 -10.95 5.83
CA ALA B 82 9.57 -10.28 5.61
C ALA B 82 10.07 -9.80 6.93
N PRO B 83 11.39 -9.70 7.07
CA PRO B 83 11.90 -9.19 8.34
C PRO B 83 11.48 -7.75 8.53
N VAL B 84 10.77 -7.47 9.63
CA VAL B 84 10.72 -6.13 10.20
C VAL B 84 11.88 -5.89 11.16
N GLU B 85 12.67 -4.87 10.88
CA GLU B 85 13.62 -4.32 11.85
C GLU B 85 13.43 -2.80 11.93
N TRP B 86 13.04 -2.32 13.10
CA TRP B 86 12.68 -0.91 13.28
C TRP B 86 13.82 0.02 12.97
N ARG B 87 13.52 1.15 12.34
CA ARG B 87 14.56 2.09 11.90
C ARG B 87 13.91 3.39 11.44
N PRO B 88 14.64 4.51 11.55
CA PRO B 88 14.12 5.80 11.13
C PRO B 88 14.28 5.94 9.63
N ILE B 89 13.41 6.74 9.01
CA ILE B 89 13.33 6.84 7.56
C ILE B 89 14.68 7.18 6.93
N ASP B 90 15.36 8.18 7.48
CA ASP B 90 16.65 8.62 6.94
C ASP B 90 17.76 7.55 6.96
N LYS B 91 17.59 6.50 7.76
CA LYS B 91 18.57 5.41 7.85
C LYS B 91 18.43 4.34 6.76
N TYR B 92 17.19 3.94 6.48
CA TYR B 92 16.90 2.96 5.42
C TYR B 92 17.58 3.38 4.15
N ALA B 93 18.07 2.42 3.39
CA ALA B 93 18.34 2.65 2.00
C ALA B 93 17.07 2.37 1.17
N VAL B 94 16.90 3.11 0.07
CA VAL B 94 15.72 2.92 -0.79
C VAL B 94 15.59 1.48 -1.26
N GLU B 95 16.73 0.87 -1.53
CA GLU B 95 16.74 -0.51 -1.94
C GLU B 95 16.15 -1.46 -0.88
N ASP B 96 16.24 -1.08 0.40
CA ASP B 96 15.52 -1.80 1.47
C ASP B 96 13.98 -1.75 1.27
N TYR B 97 13.45 -0.58 0.97
CA TYR B 97 12.02 -0.47 0.74
C TYR B 97 11.61 -1.31 -0.47
N ARG B 98 12.45 -1.33 -1.51
CA ARG B 98 12.18 -2.18 -2.69
C ARG B 98 12.08 -3.65 -2.33
N ASP B 99 13.02 -4.13 -1.50
CA ASP B 99 12.96 -5.52 -1.04
C ASP B 99 11.73 -5.80 -0.16
N MET B 100 11.41 -4.89 0.74
CA MET B 100 10.17 -4.97 1.53
C MET B 100 8.94 -5.11 0.61
N VAL B 101 8.80 -4.18 -0.33
CA VAL B 101 7.66 -4.22 -1.24
C VAL B 101 7.70 -5.53 -2.09
N GLU B 102 8.89 -5.90 -2.54
CA GLU B 102 9.04 -7.16 -3.23
C GLU B 102 8.46 -8.32 -2.43
N ALA B 103 8.85 -8.46 -1.15
CA ALA B 103 8.40 -9.61 -0.32
C ALA B 103 6.91 -9.53 0.05
N LEU B 104 6.40 -8.33 0.37
CA LEU B 104 5.08 -8.24 1.01
C LEU B 104 3.97 -7.90 0.02
N GLN B 105 4.34 -7.36 -1.12
CA GLN B 105 3.36 -6.72 -2.01
C GLN B 105 3.43 -7.28 -3.42
N ILE B 106 4.62 -7.28 -4.01
CA ILE B 106 4.78 -7.88 -5.37
C ILE B 106 4.47 -9.38 -5.34
N LYS B 107 4.82 -10.00 -4.23
CA LYS B 107 4.67 -11.46 -4.10
C LYS B 107 3.21 -11.88 -4.18
N PRO B 108 2.33 -11.27 -3.36
CA PRO B 108 0.95 -11.72 -3.46
C PRO B 108 0.34 -11.41 -4.85
N PHE B 109 0.68 -10.25 -5.41
CA PHE B 109 0.19 -9.90 -6.75
C PHE B 109 0.58 -10.97 -7.75
N ALA B 110 1.82 -11.41 -7.65
CA ALA B 110 2.42 -12.38 -8.55
C ALA B 110 1.68 -13.70 -8.43
N LEU B 111 1.41 -14.11 -7.19
CA LEU B 111 0.68 -15.35 -6.97
C LEU B 111 -0.74 -15.23 -7.46
N ALA B 112 -1.40 -14.10 -7.19
CA ALA B 112 -2.77 -13.91 -7.70
C ALA B 112 -2.78 -13.92 -9.24
N ASN B 113 -1.89 -13.14 -9.82
CA ASN B 113 -1.73 -13.01 -11.26
C ASN B 113 -1.48 -14.40 -11.92
N ALA B 114 -0.73 -15.27 -11.24
CA ALA B 114 -0.51 -16.65 -11.75
C ALA B 114 -1.73 -17.58 -11.69
N VAL B 115 -2.65 -17.35 -10.75
CA VAL B 115 -3.69 -18.33 -10.55
C VAL B 115 -5.00 -17.87 -11.18
N ALA B 116 -5.08 -16.58 -11.47
CA ALA B 116 -6.36 -15.94 -11.65
C ALA B 116 -7.10 -16.45 -12.91
N SER B 117 -6.36 -16.80 -13.95
CA SER B 117 -7.05 -17.02 -15.20
C SER B 117 -7.69 -18.41 -15.25
N GLN B 118 -7.08 -19.40 -14.58
CA GLN B 118 -7.81 -20.67 -14.36
C GLN B 118 -9.03 -20.58 -13.43
N MET B 119 -8.93 -19.80 -12.37
CA MET B 119 -10.08 -19.63 -11.48
C MET B 119 -11.22 -18.98 -12.24
N LYS B 120 -10.87 -18.01 -13.08
CA LYS B 120 -11.88 -17.26 -13.84
C LYS B 120 -12.56 -18.18 -14.88
N ARG B 121 -11.75 -18.92 -15.62
CA ARG B 121 -12.29 -19.96 -16.51
C ARG B 121 -13.26 -20.89 -15.78
N ARG B 122 -12.87 -21.39 -14.60
CA ARG B 122 -13.76 -22.24 -13.81
C ARG B 122 -14.84 -21.50 -13.03
N LYS B 123 -14.83 -20.16 -13.08
CA LYS B 123 -15.71 -19.39 -12.23
C LYS B 123 -15.73 -19.97 -10.80
N SER B 124 -14.56 -20.32 -10.27
CA SER B 124 -14.49 -20.65 -8.85
C SER B 124 -13.06 -20.60 -8.32
N GLY B 125 -12.92 -20.24 -7.06
CA GLY B 125 -11.61 -20.10 -6.44
C GLY B 125 -11.79 -19.15 -5.27
N HIS B 126 -10.83 -19.16 -4.35
CA HIS B 126 -10.79 -18.20 -3.26
C HIS B 126 -9.36 -17.79 -3.10
N ILE B 127 -9.16 -16.50 -2.85
CA ILE B 127 -7.84 -15.95 -2.70
C ILE B 127 -7.72 -15.14 -1.42
N ILE B 128 -6.71 -15.48 -0.61
CA ILE B 128 -6.58 -14.95 0.74
C ILE B 128 -5.15 -14.51 0.93
N PHE B 129 -4.96 -13.21 1.14
CA PHE B 129 -3.67 -12.66 1.49
C PHE B 129 -3.56 -12.61 3.02
N ILE B 130 -2.48 -13.14 3.57
CA ILE B 130 -2.18 -12.85 4.96
C ILE B 130 -1.29 -11.61 5.09
N THR B 131 -1.87 -10.48 5.53
CA THR B 131 -1.09 -9.23 5.61
C THR B 131 -0.64 -8.88 7.06
N SER B 132 -1.07 -7.73 7.58
CA SER B 132 -0.75 -7.35 8.95
C SER B 132 -1.58 -6.15 9.42
N ALA B 133 -1.83 -6.09 10.73
CA ALA B 133 -2.61 -5.01 11.33
C ALA B 133 -1.71 -3.81 11.53
N ALA B 134 -0.46 -3.94 11.10
CA ALA B 134 0.46 -2.80 11.06
C ALA B 134 0.04 -1.74 10.03
N SER B 135 -0.71 -2.12 8.98
CA SER B 135 -1.32 -1.15 8.04
C SER B 135 -2.08 -0.02 8.75
N PHE B 136 -1.74 1.22 8.44
CA PHE B 136 -2.33 2.35 9.17
C PHE B 136 -2.39 2.08 10.68
N GLY B 137 -1.46 1.27 11.19
CA GLY B 137 -1.46 0.92 12.63
C GLY B 137 -0.81 1.98 13.50
N PRO B 138 -0.62 1.68 14.80
CA PRO B 138 -0.21 2.69 15.77
C PRO B 138 1.31 2.72 16.03
N TRP B 139 2.09 1.90 15.33
CA TRP B 139 3.56 1.89 15.53
C TRP B 139 4.30 3.06 14.91
N LYS B 140 5.48 3.37 15.42
CA LYS B 140 6.40 4.28 14.74
C LYS B 140 7.71 3.59 14.36
N GLU B 141 8.45 4.23 13.46
CA GLU B 141 9.65 3.60 12.85
C GLU B 141 9.48 2.23 12.19
N LEU B 142 8.22 1.90 11.86
CA LEU B 142 7.84 0.65 11.22
C LEU B 142 7.37 0.90 9.78
N SER B 143 7.88 1.95 9.16
CA SER B 143 7.18 2.60 8.05
C SER B 143 7.17 1.82 6.73
N THR B 144 8.30 1.27 6.34
CA THR B 144 8.35 0.44 5.14
C THR B 144 7.40 -0.75 5.27
N TYR B 145 7.43 -1.40 6.43
CA TYR B 145 6.58 -2.56 6.67
C TYR B 145 5.09 -2.22 6.66
N ALA B 146 4.71 -1.14 7.34
CA ALA B 146 3.29 -0.82 7.52
C ALA B 146 2.74 -0.56 6.13
N SER B 147 3.51 0.18 5.32
CA SER B 147 3.02 0.65 4.03
C SER B 147 2.91 -0.44 2.98
N ALA B 148 3.89 -1.36 2.94
CA ALA B 148 3.78 -2.53 2.07
C ALA B 148 2.66 -3.47 2.43
N ARG B 149 2.39 -3.60 3.73
CA ARG B 149 1.27 -4.43 4.13
C ARG B 149 -0.05 -3.77 3.72
N ALA B 150 -0.11 -2.45 3.82
CA ALA B 150 -1.35 -1.70 3.45
C ALA B 150 -1.58 -1.82 1.92
N GLY B 151 -0.47 -1.82 1.19
CA GLY B 151 -0.48 -2.14 -0.25
C GLY B 151 -1.13 -3.47 -0.53
N ALA B 152 -0.79 -4.48 0.26
CA ALA B 152 -1.29 -5.85 0.00
C ALA B 152 -2.74 -6.02 0.39
N SER B 153 -3.15 -5.39 1.48
CA SER B 153 -4.57 -5.39 1.85
C SER B 153 -5.45 -4.69 0.82
N ALA B 154 -5.02 -3.51 0.37
CA ALA B 154 -5.71 -2.75 -0.66
C ALA B 154 -5.75 -3.52 -1.98
N LEU B 155 -4.68 -4.26 -2.27
CA LEU B 155 -4.68 -5.12 -3.46
C LEU B 155 -5.76 -6.19 -3.37
N ALA B 156 -5.95 -6.71 -2.18
CA ALA B 156 -6.98 -7.72 -1.97
C ALA B 156 -8.36 -7.13 -2.18
N ASN B 157 -8.58 -5.95 -1.62
CA ASN B 157 -9.89 -5.37 -1.69
C ASN B 157 -10.19 -4.97 -3.15
N ALA B 158 -9.17 -4.50 -3.87
CA ALA B 158 -9.37 -4.13 -5.26
C ALA B 158 -9.63 -5.38 -6.12
N LEU B 159 -8.89 -6.44 -5.91
CA LEU B 159 -9.12 -7.66 -6.68
C LEU B 159 -10.53 -8.18 -6.45
N SER B 160 -11.04 -8.07 -5.22
CA SER B 160 -12.37 -8.61 -4.96
C SER B 160 -13.35 -7.99 -5.96
N LYS B 161 -13.16 -6.69 -6.21
CA LYS B 161 -14.14 -5.96 -7.03
C LYS B 161 -14.13 -6.41 -8.48
N GLU B 162 -12.96 -6.77 -9.01
CA GLU B 162 -12.89 -7.27 -10.37
C GLU B 162 -13.19 -8.75 -10.52
N LEU B 163 -12.83 -9.56 -9.52
CA LEU B 163 -13.03 -11.04 -9.64
C LEU B 163 -14.38 -11.53 -9.16
N GLY B 164 -15.14 -10.64 -8.53
CA GLY B 164 -16.47 -10.99 -8.10
C GLY B 164 -17.32 -11.47 -9.27
N GLU B 165 -17.16 -10.83 -10.41
CA GLU B 165 -17.93 -11.13 -11.62
C GLU B 165 -17.69 -12.58 -11.99
N HIS B 166 -16.51 -13.08 -11.66
CA HIS B 166 -16.16 -14.44 -12.00
C HIS B 166 -16.32 -15.36 -10.84
N ASN B 167 -17.13 -14.94 -9.88
CA ASN B 167 -17.41 -15.76 -8.70
C ASN B 167 -16.17 -16.19 -7.87
N ILE B 168 -15.22 -15.29 -7.70
CA ILE B 168 -14.01 -15.58 -6.93
C ILE B 168 -13.87 -14.56 -5.80
N PRO B 169 -14.14 -14.96 -4.54
CA PRO B 169 -14.01 -14.03 -3.41
C PRO B 169 -12.55 -13.77 -3.09
N VAL B 170 -12.22 -12.53 -2.75
CA VAL B 170 -10.83 -12.20 -2.38
C VAL B 170 -10.82 -11.51 -0.99
N PHE B 171 -9.89 -11.89 -0.12
CA PHE B 171 -9.92 -11.50 1.30
C PHE B 171 -8.49 -11.15 1.71
N ALA B 172 -8.34 -10.24 2.67
CA ALA B 172 -7.05 -10.11 3.39
C ALA B 172 -7.23 -10.37 4.90
N ILE B 173 -6.27 -11.06 5.50
CA ILE B 173 -6.30 -11.26 6.95
C ILE B 173 -5.14 -10.51 7.57
N ALA B 174 -5.46 -9.53 8.42
CA ALA B 174 -4.44 -8.61 8.91
C ALA B 174 -4.22 -8.89 10.41
N PRO B 175 -3.25 -9.73 10.74
CA PRO B 175 -3.12 -10.16 12.14
C PRO B 175 -2.24 -9.26 12.98
N ASN B 176 -2.45 -9.33 14.29
CA ASN B 176 -1.38 -8.94 15.23
C ASN B 176 -1.46 -9.83 16.47
N GLY B 177 -0.31 -10.26 16.99
CA GLY B 177 -0.25 -11.01 18.23
C GLY B 177 -0.66 -12.46 18.05
N VAL B 178 -0.43 -13.01 16.86
CA VAL B 178 -0.75 -14.41 16.65
C VAL B 178 0.48 -15.26 17.00
N ASP B 179 0.33 -16.15 17.98
CA ASP B 179 1.44 -16.99 18.36
C ASP B 179 2.03 -17.75 17.14
N SER B 180 3.29 -17.47 16.81
CA SER B 180 3.93 -18.12 15.65
C SER B 180 4.81 -19.29 16.05
N GLY B 181 4.78 -19.62 17.35
CA GLY B 181 5.47 -20.80 17.87
C GLY B 181 6.97 -20.67 17.71
N ASP B 182 7.56 -21.55 16.90
CA ASP B 182 9.00 -21.54 16.66
C ASP B 182 9.41 -20.44 15.68
N SER B 183 8.53 -20.11 14.73
CA SER B 183 8.86 -19.05 13.74
C SER B 183 9.04 -17.70 14.39
N PRO B 184 10.02 -16.90 13.91
CA PRO B 184 10.20 -15.50 14.31
C PRO B 184 9.17 -14.55 13.69
N TYR B 185 8.40 -15.05 12.71
CA TYR B 185 7.38 -14.26 12.04
C TYR B 185 6.00 -14.63 12.62
N TYR B 186 5.48 -13.86 13.58
CA TYR B 186 6.09 -12.62 14.09
C TYR B 186 6.02 -12.59 15.61
N TYR B 187 5.45 -13.64 16.20
CA TYR B 187 5.29 -13.66 17.68
C TYR B 187 5.69 -15.02 18.24
N PRO B 188 7.01 -15.33 18.18
CA PRO B 188 7.50 -16.62 18.64
C PRO B 188 7.20 -16.84 20.14
N SER B 189 6.82 -18.07 20.47
CA SER B 189 6.48 -18.47 21.84
C SER B 189 7.41 -17.81 22.86
N GLU B 190 8.71 -17.91 22.62
CA GLU B 190 9.66 -17.05 23.30
C GLU B 190 10.15 -15.95 22.38
N PRO B 191 10.09 -14.69 22.84
CA PRO B 191 9.91 -14.31 24.25
C PRO B 191 8.46 -14.08 24.67
N TRP B 192 7.51 -14.32 23.76
CA TRP B 192 6.15 -13.82 23.95
C TRP B 192 5.33 -14.50 24.98
N LYS B 193 5.51 -15.83 25.10
CA LYS B 193 4.87 -16.59 26.17
C LYS B 193 5.72 -16.71 27.45
N THR B 194 7.02 -16.42 27.34
CA THR B 194 7.93 -16.62 28.48
C THR B 194 8.41 -15.35 29.20
N SER B 195 8.77 -14.32 28.46
CA SER B 195 9.34 -13.12 29.07
C SER B 195 8.31 -12.22 29.74
N PRO B 196 8.44 -12.03 31.06
CA PRO B 196 7.38 -11.32 31.78
C PRO B 196 7.13 -9.90 31.23
N GLU B 197 8.16 -9.26 30.71
CA GLU B 197 7.99 -7.95 30.09
C GLU B 197 7.09 -8.01 28.84
N HIS B 198 7.20 -9.10 28.07
CA HIS B 198 6.43 -9.23 26.85
C HIS B 198 5.03 -9.60 27.19
N VAL B 199 4.90 -10.52 28.14
CA VAL B 199 3.61 -10.94 28.63
C VAL B 199 2.79 -9.77 29.17
N ALA B 200 3.49 -8.79 29.75
CA ALA B 200 2.82 -7.65 30.33
C ALA B 200 2.36 -6.69 29.23
N TRP B 201 3.16 -6.59 28.17
CA TRP B 201 2.84 -5.76 27.02
C TRP B 201 1.58 -6.25 26.33
N VAL B 202 1.45 -7.57 26.20
CA VAL B 202 0.30 -8.15 25.54
C VAL B 202 -0.98 -7.89 26.33
N ARG B 203 -0.88 -8.10 27.65
CA ARG B 203 -2.01 -7.90 28.54
C ARG B 203 -2.40 -6.45 28.63
N LYS B 204 -1.44 -5.56 28.41
CA LYS B 204 -1.70 -4.14 28.40
C LYS B 204 -2.47 -3.65 27.16
N TYR B 205 -2.04 -4.07 25.97
CA TYR B 205 -2.42 -3.35 24.75
C TYR B 205 -3.47 -4.10 23.90
N THR B 206 -3.61 -5.40 24.12
CA THR B 206 -4.68 -6.19 23.54
C THR B 206 -5.91 -6.25 24.46
N ALA B 207 -7.10 -6.27 23.85
CA ALA B 207 -8.36 -6.28 24.62
C ALA B 207 -8.56 -7.63 25.29
N LEU B 208 -8.30 -8.71 24.56
CA LEU B 208 -8.48 -10.02 25.12
C LEU B 208 -7.28 -10.42 26.02
N GLN B 209 -6.26 -9.58 26.09
CA GLN B 209 -5.15 -9.79 27.03
C GLN B 209 -4.46 -11.15 26.83
N ARG B 210 -4.41 -11.62 25.59
CA ARG B 210 -3.62 -12.79 25.22
C ARG B 210 -3.17 -12.66 23.77
N LEU B 211 -2.30 -13.57 23.36
CA LEU B 211 -1.94 -13.75 21.96
C LEU B 211 -3.03 -14.56 21.31
N GLY B 212 -3.19 -14.43 20.00
CA GLY B 212 -4.11 -15.32 19.28
C GLY B 212 -3.41 -16.61 18.93
N THR B 213 -4.17 -17.67 18.68
CA THR B 213 -3.55 -18.94 18.36
C THR B 213 -3.48 -19.15 16.85
N GLN B 214 -2.54 -19.99 16.41
CA GLN B 214 -2.53 -20.50 15.04
C GLN B 214 -3.89 -21.04 14.66
N LYS B 215 -4.52 -21.73 15.60
CA LYS B 215 -5.74 -22.42 15.27
C LYS B 215 -6.84 -21.39 14.93
N GLU B 216 -6.81 -20.23 15.58
CA GLU B 216 -7.83 -19.19 15.30
C GLU B 216 -7.62 -18.66 13.88
N LEU B 217 -6.36 -18.41 13.56
CA LEU B 217 -5.98 -17.94 12.25
C LEU B 217 -6.31 -18.97 11.16
N GLY B 218 -6.02 -20.24 11.44
CA GLY B 218 -6.52 -21.35 10.62
C GLY B 218 -8.02 -21.50 10.47
N GLU B 219 -8.75 -21.34 11.56
CA GLU B 219 -10.19 -21.52 11.48
C GLU B 219 -10.79 -20.43 10.54
N LEU B 220 -10.22 -19.24 10.58
CA LEU B 220 -10.74 -18.12 9.80
C LEU B 220 -10.45 -18.37 8.33
N VAL B 221 -9.20 -18.65 8.02
CA VAL B 221 -8.79 -19.02 6.67
C VAL B 221 -9.76 -20.06 6.14
N THR B 222 -10.03 -21.09 6.94
CA THR B 222 -10.81 -22.23 6.48
C THR B 222 -12.29 -21.92 6.31
N PHE B 223 -12.85 -21.13 7.21
CA PHE B 223 -14.21 -20.60 7.00
C PHE B 223 -14.33 -19.79 5.69
N LEU B 224 -13.37 -18.88 5.46
CA LEU B 224 -13.42 -18.04 4.24
C LEU B 224 -13.31 -18.91 2.97
N ALA B 225 -12.49 -19.94 3.05
CA ALA B 225 -12.27 -20.83 1.94
C ALA B 225 -13.38 -21.90 1.76
N SER B 226 -14.32 -21.94 2.70
CA SER B 226 -15.32 -22.99 2.72
C SER B 226 -16.35 -22.86 1.61
N GLY B 227 -16.52 -21.65 1.09
CA GLY B 227 -17.66 -21.38 0.21
C GLY B 227 -18.92 -21.05 1.01
N SER B 228 -18.79 -20.87 2.31
CA SER B 228 -19.95 -20.61 3.18
C SER B 228 -20.37 -19.15 3.24
N CYS B 229 -19.39 -18.26 3.06
CA CYS B 229 -19.64 -16.83 3.18
C CYS B 229 -18.91 -16.02 2.12
N ASP B 230 -19.16 -16.33 0.84
CA ASP B 230 -18.50 -15.65 -0.26
C ASP B 230 -18.87 -14.18 -0.29
N TYR B 231 -20.04 -13.85 0.25
CA TYR B 231 -20.53 -12.48 0.23
C TYR B 231 -19.69 -11.49 1.04
N LEU B 232 -18.74 -11.99 1.84
CA LEU B 232 -17.81 -11.15 2.59
C LEU B 232 -16.67 -10.63 1.72
N THR B 233 -16.66 -11.03 0.46
CA THR B 233 -15.52 -10.74 -0.41
C THR B 233 -15.04 -9.28 -0.31
N GLY B 234 -13.72 -9.08 -0.27
CA GLY B 234 -13.19 -7.71 -0.19
C GLY B 234 -12.87 -7.23 1.24
N GLN B 235 -13.37 -7.95 2.24
CA GLN B 235 -13.09 -7.67 3.66
C GLN B 235 -11.63 -7.88 3.99
N VAL B 236 -11.08 -6.94 4.74
CA VAL B 236 -9.84 -7.10 5.48
C VAL B 236 -10.21 -7.43 6.94
N PHE B 237 -9.75 -8.57 7.44
CA PHE B 237 -10.13 -9.02 8.78
C PHE B 237 -9.01 -8.66 9.74
N TRP B 238 -9.33 -7.88 10.76
CA TRP B 238 -8.34 -7.41 11.73
C TRP B 238 -8.30 -8.38 12.89
N LEU B 239 -7.45 -9.41 12.72
CA LEU B 239 -7.28 -10.53 13.67
C LEU B 239 -6.24 -10.13 14.71
N ALA B 240 -6.63 -9.27 15.65
CA ALA B 240 -5.65 -8.68 16.54
C ALA B 240 -6.16 -8.61 18.01
N GLY B 241 -7.17 -9.43 18.32
CA GLY B 241 -7.71 -9.51 19.70
C GLY B 241 -8.07 -8.18 20.34
N GLY B 242 -8.41 -7.18 19.51
CA GLY B 242 -8.85 -5.86 19.99
C GLY B 242 -7.71 -4.88 20.16
N PHE B 243 -6.51 -5.26 19.75
CA PHE B 243 -5.41 -4.31 19.71
C PHE B 243 -5.73 -3.18 18.73
N PRO B 244 -5.30 -1.94 19.03
CA PRO B 244 -4.73 -1.50 20.29
C PRO B 244 -5.76 -1.05 21.30
N VAL B 245 -5.39 -1.15 22.58
CA VAL B 245 -6.18 -0.65 23.69
C VAL B 245 -5.27 0.25 24.50
N VAL B 246 -5.61 1.54 24.57
CA VAL B 246 -4.89 2.47 25.44
C VAL B 246 -5.70 2.77 26.67
N GLU B 247 -5.01 3.16 27.73
CA GLU B 247 -5.64 3.31 29.03
C GLU B 247 -6.29 4.67 29.17
N ARG B 248 -7.26 4.75 30.08
CA ARG B 248 -7.84 6.03 30.47
C ARG B 248 -6.75 7.03 30.84
N TRP B 249 -7.03 8.31 30.65
CA TRP B 249 -6.29 9.37 31.32
C TRP B 249 -5.88 8.93 32.70
N PRO B 250 -4.63 9.25 33.11
CA PRO B 250 -4.21 8.94 34.47
C PRO B 250 -4.94 9.79 35.53
N GLY B 251 -4.59 9.57 36.80
CA GLY B 251 -5.11 10.40 37.90
C GLY B 251 -6.52 10.92 37.68
CL CL C . -8.04 13.36 -9.47
CL CL D . 0.89 -11.52 14.11
CL CL E . 11.12 -10.35 12.17
#